data_9REI
#
_entry.id   9REI
#
_cell.length_a   52.330
_cell.length_b   72.464
_cell.length_c   98.960
_cell.angle_alpha   90.000
_cell.angle_beta   90.000
_cell.angle_gamma   90.000
#
_symmetry.space_group_name_H-M   'P 21 21 21'
#
loop_
_entity.id
_entity.type
_entity.pdbx_description
1 polymer 'cAMP-dependent protein kinase catalytic subunit alpha'
2 non-polymer (8~{a}~{R})-7-(phenylcarbonyl)-5,6,8,8~{a}-tetrahydro-1~{H}-[1,3]oxazolo[3,4-a]pyrazin-3-one
3 non-polymer 'DIMETHYL SULFOXIDE'
4 water water
#
_entity_poly.entity_id   1
_entity_poly.type   'polypeptide(L)'
_entity_poly.pdbx_seq_one_letter_code
;GHMGNAAAAKKGSEQESVKEFLAKAKEEFLKKWESPSQNTAQLDHFDRIKTLGTGSFGRVMLVKHKETGNHYAMKILDKQ
KVVKLKQIEHTLNEKRILQAVNFPFLVKLEFSFKDNSNLYMVMEYVPGGEMFSHLRRIGRF(SEP)EPHARFYAAQIVLT
FEYLHSLDLIYRDLKPENLLIDQQGYIQVTDFGFAKRVKGRTW(TPO)LCGTPEYLAPEIILSKGYNKAVDWWALGVLIY
EMAAGYPPFFADQPIQIYEKIVSGKVRFPSHFSSDLKDLLRNLLQVDLTKRFGNLKNGVNDIKNHKWFATTDWIAIYQRK
VEAPFIPKFKGPGDTSNFDDYEEEEIRV(SEP)INEKCGKEFTEF
;
_entity_poly.pdbx_strand_id   A
#
loop_
_chem_comp.id
_chem_comp.type
_chem_comp.name
_chem_comp.formula
A1JEN non-polymer (8~{a}~{R})-7-(phenylcarbonyl)-5,6,8,8~{a}-tetrahydro-1~{H}-[1,3]oxazolo[3,4-a]pyrazin-3-one 'C13 H14 N2 O3'
DMS non-polymer 'DIMETHYL SULFOXIDE' 'C2 H6 O S'
#
# COMPACT_ATOMS: atom_id res chain seq x y z
N GLN A 15 2.93 23.61 12.05
CA GLN A 15 3.78 24.04 13.16
C GLN A 15 5.23 23.61 12.94
N GLU A 16 6.14 24.30 13.64
CA GLU A 16 7.57 24.01 13.54
C GLU A 16 7.88 22.57 13.95
N SER A 17 7.10 22.00 14.87
CA SER A 17 7.36 20.62 15.27
C SER A 17 7.13 19.65 14.12
N VAL A 18 6.09 19.89 13.31
CA VAL A 18 5.84 19.03 12.14
C VAL A 18 6.92 19.24 11.08
N LYS A 19 7.31 20.49 10.84
CA LYS A 19 8.35 20.78 9.87
C LYS A 19 9.68 20.12 10.24
N GLU A 20 10.06 20.16 11.51
CA GLU A 20 11.32 19.54 11.92
C GLU A 20 11.24 18.01 11.89
N PHE A 21 10.07 17.44 12.22
CA PHE A 21 9.92 15.99 12.10
C PHE A 21 10.12 15.54 10.66
N LEU A 22 9.51 16.24 9.70
CA LEU A 22 9.64 15.84 8.30
C LEU A 22 11.05 16.08 7.77
N ALA A 23 11.75 17.12 8.25
CA ALA A 23 13.13 17.35 7.83
C ALA A 23 14.03 16.20 8.26
N LYS A 24 13.90 15.75 9.52
CA LYS A 24 14.67 14.61 10.00
C LYS A 24 14.29 13.33 9.28
N ALA A 25 12.99 13.14 9.00
CA ALA A 25 12.55 11.96 8.27
C ALA A 25 13.22 11.88 6.90
N LYS A 26 13.38 13.03 6.23
CA LYS A 26 14.00 13.04 4.91
C LYS A 26 15.51 12.77 4.99
N GLU A 27 16.19 13.36 5.98
CA GLU A 27 17.62 13.09 6.21
C GLU A 27 17.88 11.59 6.37
N GLU A 28 17.06 10.92 7.18
CA GLU A 28 17.31 9.51 7.47
C GLU A 28 17.00 8.62 6.26
N PHE A 29 15.93 8.96 5.51
CA PHE A 29 15.63 8.25 4.26
C PHE A 29 16.78 8.37 3.26
N LEU A 30 17.29 9.59 3.06
CA LEU A 30 18.31 9.80 2.02
C LEU A 30 19.60 9.03 2.32
N LYS A 31 19.99 8.90 3.59
CA LYS A 31 21.21 8.16 3.91
C LYS A 31 21.11 6.70 3.49
N LYS A 32 19.97 6.06 3.76
CA LYS A 32 19.77 4.67 3.34
C LYS A 32 19.53 4.56 1.83
N TRP A 33 18.89 5.57 1.23
CA TRP A 33 18.65 5.58 -0.21
C TRP A 33 19.95 5.60 -1.00
N GLU A 34 20.94 6.36 -0.53
CA GLU A 34 22.21 6.47 -1.25
C GLU A 34 23.13 5.27 -1.04
N SER A 35 22.89 4.46 -0.01
N SER A 35 22.92 4.47 0.01
CA SER A 35 23.74 3.30 0.29
CA SER A 35 23.74 3.29 0.28
C SER A 35 22.87 2.13 0.72
C SER A 35 22.84 2.14 0.71
N PRO A 36 22.18 1.48 -0.22
CA PRO A 36 21.22 0.42 0.15
C PRO A 36 21.88 -0.84 0.71
N SER A 37 21.16 -1.49 1.62
CA SER A 37 21.61 -2.78 2.13
C SER A 37 21.30 -3.90 1.14
N GLN A 38 22.11 -4.97 1.19
CA GLN A 38 22.01 -6.07 0.25
C GLN A 38 22.39 -7.37 0.96
N ASN A 39 21.77 -8.47 0.55
CA ASN A 39 22.24 -9.83 0.84
C ASN A 39 22.33 -10.08 2.36
N THR A 40 21.20 -9.89 3.05
CA THR A 40 21.20 -9.96 4.50
C THR A 40 20.65 -11.28 5.08
N ALA A 41 20.28 -12.24 4.24
CA ALA A 41 19.91 -13.60 4.70
C ALA A 41 20.06 -14.57 3.52
N GLN A 42 19.62 -15.83 3.70
CA GLN A 42 19.54 -16.81 2.62
C GLN A 42 18.36 -17.77 2.87
N LEU A 43 17.96 -18.50 1.82
CA LEU A 43 16.70 -19.25 1.85
C LEU A 43 16.71 -20.36 2.90
N ASP A 44 17.81 -21.09 3.04
CA ASP A 44 17.85 -22.20 4.00
C ASP A 44 17.98 -21.77 5.47
N HIS A 45 17.88 -20.46 5.76
CA HIS A 45 17.70 -19.99 7.12
C HIS A 45 16.25 -20.06 7.60
N PHE A 46 15.30 -20.43 6.72
CA PHE A 46 13.87 -20.38 7.01
C PHE A 46 13.21 -21.73 6.72
N ASP A 47 12.14 -22.03 7.46
CA ASP A 47 11.19 -23.11 7.16
C ASP A 47 9.96 -22.52 6.47
N ARG A 48 9.46 -23.19 5.43
CA ARG A 48 8.25 -22.77 4.73
C ARG A 48 7.01 -23.32 5.44
N ILE A 49 5.98 -22.48 5.64
CA ILE A 49 4.77 -22.87 6.36
C ILE A 49 3.53 -22.94 5.45
N LYS A 50 3.20 -21.85 4.74
CA LYS A 50 1.93 -21.78 4.01
C LYS A 50 1.98 -20.64 2.99
N THR A 51 1.36 -20.85 1.83
CA THR A 51 1.21 -19.78 0.84
C THR A 51 0.05 -18.86 1.24
N LEU A 52 0.35 -17.56 1.38
CA LEU A 52 -0.64 -16.56 1.81
C LEU A 52 -1.24 -15.76 0.66
N GLY A 53 -0.64 -15.81 -0.53
CA GLY A 53 -1.13 -15.10 -1.71
C GLY A 53 -0.31 -15.38 -2.95
N THR A 54 -0.90 -15.26 -4.14
CA THR A 54 -0.23 -15.62 -5.38
C THR A 54 -0.74 -14.74 -6.52
N GLY A 55 0.15 -14.46 -7.48
N GLY A 55 0.08 -14.52 -7.53
CA GLY A 55 -0.09 -13.58 -8.61
CA GLY A 55 -0.44 -13.90 -8.72
C GLY A 55 0.73 -13.90 -9.85
C GLY A 55 0.48 -12.89 -9.38
N SER A 56 0.93 -12.90 -10.71
N SER A 56 -0.11 -11.83 -9.93
CA SER A 56 1.44 -13.15 -12.07
CA SER A 56 0.67 -10.85 -10.69
C SER A 56 2.93 -13.50 -12.07
C SER A 56 1.79 -10.25 -9.84
N PHE A 57 3.75 -12.79 -11.29
N PHE A 57 1.63 -10.23 -8.53
CA PHE A 57 5.17 -13.08 -11.25
CA PHE A 57 2.65 -9.68 -7.63
C PHE A 57 5.71 -13.39 -9.86
C PHE A 57 3.69 -10.71 -7.20
N GLY A 58 4.84 -13.49 -8.84
N GLY A 58 3.66 -11.92 -7.75
CA GLY A 58 5.30 -13.69 -7.49
CA GLY A 58 4.57 -12.97 -7.30
C GLY A 58 4.27 -14.37 -6.60
C GLY A 58 3.89 -13.88 -6.31
N ARG A 59 4.61 -14.39 -5.30
CA ARG A 59 3.94 -15.14 -4.23
C ARG A 59 4.35 -14.52 -2.90
N VAL A 60 3.50 -14.68 -1.88
CA VAL A 60 3.83 -14.35 -0.50
C VAL A 60 3.64 -15.59 0.35
N MET A 61 4.69 -15.96 1.08
N MET A 61 4.69 -15.97 1.11
CA MET A 61 4.72 -17.13 1.93
CA MET A 61 4.70 -17.21 1.89
C MET A 61 4.81 -16.70 3.40
C MET A 61 5.01 -16.93 3.36
N LEU A 62 4.21 -17.51 4.27
CA LEU A 62 4.56 -17.49 5.69
C LEU A 62 5.76 -18.41 5.91
N VAL A 63 6.79 -17.87 6.56
CA VAL A 63 8.01 -18.62 6.87
C VAL A 63 8.36 -18.42 8.36
N LYS A 64 9.20 -19.31 8.88
CA LYS A 64 9.70 -19.23 10.26
C LYS A 64 11.22 -19.30 10.26
N HIS A 65 11.88 -18.35 10.90
CA HIS A 65 13.34 -18.35 10.97
C HIS A 65 13.81 -19.47 11.89
N LYS A 66 14.76 -20.28 11.41
CA LYS A 66 15.10 -21.52 12.10
C LYS A 66 15.86 -21.29 13.41
N GLU A 67 16.57 -20.17 13.55
CA GLU A 67 17.31 -19.91 14.78
C GLU A 67 16.51 -19.13 15.83
N THR A 68 15.77 -18.10 15.41
CA THR A 68 15.07 -17.25 16.35
C THR A 68 13.63 -17.68 16.61
N GLY A 69 13.00 -18.38 15.67
CA GLY A 69 11.61 -18.73 15.78
C GLY A 69 10.63 -17.66 15.34
N ASN A 70 11.11 -16.52 14.86
CA ASN A 70 10.22 -15.45 14.41
C ASN A 70 9.55 -15.82 13.09
N HIS A 71 8.31 -15.34 12.92
CA HIS A 71 7.53 -15.53 11.70
C HIS A 71 7.64 -14.29 10.81
N TYR A 72 7.68 -14.53 9.50
CA TYR A 72 7.79 -13.46 8.51
C TYR A 72 6.93 -13.79 7.29
N ALA A 73 6.54 -12.74 6.56
CA ALA A 73 5.88 -12.86 5.25
C ALA A 73 6.94 -12.63 4.17
N MET A 74 7.30 -13.69 3.43
CA MET A 74 8.37 -13.64 2.44
C MET A 74 7.78 -13.50 1.04
N LYS A 75 8.07 -12.38 0.38
CA LYS A 75 7.66 -12.14 -1.00
C LYS A 75 8.73 -12.74 -1.92
N ILE A 76 8.31 -13.60 -2.86
CA ILE A 76 9.22 -14.31 -3.77
C ILE A 76 8.86 -13.92 -5.19
N LEU A 77 9.82 -13.36 -5.93
CA LEU A 77 9.62 -12.97 -7.33
C LEU A 77 10.52 -13.80 -8.24
N ASP A 78 9.94 -14.36 -9.30
CA ASP A 78 10.69 -15.14 -10.29
C ASP A 78 11.35 -14.18 -11.29
N LYS A 79 12.68 -14.18 -11.33
CA LYS A 79 13.41 -13.20 -12.14
C LYS A 79 13.02 -13.27 -13.61
N GLN A 80 12.87 -14.48 -14.16
CA GLN A 80 12.53 -14.61 -15.57
C GLN A 80 11.14 -14.02 -15.86
N LYS A 81 10.19 -14.19 -14.93
CA LYS A 81 8.86 -13.64 -15.14
C LYS A 81 8.85 -12.12 -14.98
N VAL A 82 9.66 -11.59 -14.05
CA VAL A 82 9.75 -10.13 -13.90
C VAL A 82 10.19 -9.48 -15.20
N VAL A 83 11.18 -10.08 -15.86
CA VAL A 83 11.70 -9.54 -17.13
C VAL A 83 10.61 -9.55 -18.19
N LYS A 84 9.93 -10.69 -18.35
CA LYS A 84 8.93 -10.82 -19.41
C LYS A 84 7.74 -9.90 -19.20
N LEU A 85 7.35 -9.65 -17.96
CA LEU A 85 6.25 -8.76 -17.64
C LEU A 85 6.69 -7.29 -17.52
N LYS A 86 7.94 -6.99 -17.87
CA LYS A 86 8.45 -5.61 -17.93
C LYS A 86 8.39 -4.91 -16.57
N GLN A 87 8.75 -5.63 -15.50
CA GLN A 87 8.69 -5.09 -14.15
C GLN A 87 10.06 -4.91 -13.51
N ILE A 88 11.14 -4.84 -14.31
CA ILE A 88 12.49 -4.77 -13.73
C ILE A 88 12.65 -3.51 -12.87
N GLU A 89 12.41 -2.34 -13.47
CA GLU A 89 12.56 -1.08 -12.74
C GLU A 89 11.64 -1.01 -11.54
N HIS A 90 10.40 -1.50 -11.67
CA HIS A 90 9.48 -1.47 -10.54
C HIS A 90 9.96 -2.34 -9.38
N THR A 91 10.53 -3.51 -9.67
N THR A 91 10.54 -3.51 -9.68
CA THR A 91 11.02 -4.35 -8.58
CA THR A 91 11.04 -4.37 -8.63
C THR A 91 12.26 -3.76 -7.90
C THR A 91 12.23 -3.76 -7.92
N LEU A 92 13.13 -3.09 -8.68
CA LEU A 92 14.26 -2.40 -8.07
C LEU A 92 13.80 -1.22 -7.22
N ASN A 93 12.79 -0.47 -7.68
CA ASN A 93 12.17 0.58 -6.88
C ASN A 93 11.68 0.03 -5.54
N GLU A 94 10.91 -1.07 -5.57
CA GLU A 94 10.27 -1.59 -4.38
C GLU A 94 11.28 -1.88 -3.28
N LYS A 95 12.36 -2.59 -3.63
CA LYS A 95 13.31 -3.00 -2.60
C LYS A 95 14.12 -1.81 -2.08
N ARG A 96 14.56 -0.91 -2.98
CA ARG A 96 15.35 0.24 -2.56
C ARG A 96 14.54 1.18 -1.65
N ILE A 97 13.25 1.37 -1.93
CA ILE A 97 12.42 2.21 -1.08
C ILE A 97 12.17 1.54 0.27
N LEU A 98 11.80 0.25 0.26
CA LEU A 98 11.44 -0.42 1.51
C LEU A 98 12.61 -0.47 2.48
N GLN A 99 13.83 -0.68 1.98
CA GLN A 99 14.97 -0.71 2.90
C GLN A 99 15.31 0.67 3.47
N ALA A 100 14.73 1.75 2.93
CA ALA A 100 15.04 3.11 3.35
C ALA A 100 13.97 3.84 4.18
N VAL A 101 12.72 3.35 4.22
CA VAL A 101 11.63 4.04 4.92
C VAL A 101 11.45 3.54 6.36
N ASN A 102 10.69 4.31 7.15
CA ASN A 102 10.46 4.00 8.57
C ASN A 102 9.26 4.84 9.04
N PHE A 103 8.12 4.20 9.31
CA PHE A 103 6.91 4.90 9.73
C PHE A 103 5.97 3.93 10.43
N PRO A 104 5.18 4.39 11.42
CA PRO A 104 4.37 3.43 12.21
C PRO A 104 3.37 2.60 11.42
N PHE A 105 2.93 3.07 10.25
CA PHE A 105 1.86 2.41 9.50
C PHE A 105 2.35 1.75 8.21
N LEU A 106 3.66 1.46 8.11
CA LEU A 106 4.27 0.72 7.01
C LEU A 106 4.87 -0.58 7.54
N VAL A 107 4.55 -1.72 6.88
CA VAL A 107 5.21 -2.99 7.20
C VAL A 107 6.72 -2.88 6.99
N LYS A 108 7.48 -3.41 7.95
CA LYS A 108 8.95 -3.31 7.96
C LYS A 108 9.61 -4.45 7.16
N LEU A 109 10.57 -4.09 6.31
CA LEU A 109 11.43 -5.06 5.63
C LEU A 109 12.56 -5.46 6.57
N GLU A 110 12.68 -6.75 6.85
CA GLU A 110 13.72 -7.27 7.75
C GLU A 110 14.96 -7.81 7.03
N PHE A 111 14.80 -8.54 5.92
CA PHE A 111 15.93 -9.08 5.15
C PHE A 111 15.61 -8.99 3.66
N SER A 112 16.66 -8.97 2.83
CA SER A 112 16.50 -9.17 1.39
C SER A 112 17.71 -9.94 0.85
N PHE A 113 17.49 -10.69 -0.24
CA PHE A 113 18.54 -11.48 -0.88
C PHE A 113 18.03 -12.01 -2.21
N LYS A 114 18.94 -12.62 -2.97
CA LYS A 114 18.62 -13.20 -4.28
C LYS A 114 19.43 -14.48 -4.48
N ASP A 115 18.97 -15.34 -5.39
CA ASP A 115 19.69 -16.56 -5.76
C ASP A 115 19.64 -16.72 -7.27
N ASN A 116 19.97 -17.93 -7.76
CA ASN A 116 20.03 -18.16 -9.20
C ASN A 116 18.69 -17.85 -9.88
N SER A 117 17.57 -18.05 -9.19
CA SER A 117 16.24 -17.98 -9.81
C SER A 117 15.37 -16.82 -9.33
N ASN A 118 15.44 -16.44 -8.05
CA ASN A 118 14.42 -15.59 -7.44
C ASN A 118 15.04 -14.39 -6.73
N LEU A 119 14.16 -13.39 -6.49
CA LEU A 119 14.40 -12.26 -5.58
C LEU A 119 13.50 -12.44 -4.36
N TYR A 120 14.01 -12.08 -3.17
CA TYR A 120 13.28 -12.29 -1.92
C TYR A 120 13.26 -11.02 -1.08
N MET A 121 12.07 -10.67 -0.57
CA MET A 121 11.90 -9.58 0.39
C MET A 121 11.17 -10.15 1.61
N VAL A 122 11.84 -10.17 2.76
CA VAL A 122 11.33 -10.82 3.96
C VAL A 122 10.79 -9.73 4.89
N MET A 123 9.46 -9.67 5.06
CA MET A 123 8.75 -8.61 5.79
C MET A 123 8.21 -9.17 7.10
N GLU A 124 7.93 -8.28 8.05
CA GLU A 124 7.21 -8.73 9.24
C GLU A 124 5.85 -9.32 8.85
N TYR A 125 5.42 -10.34 9.61
CA TYR A 125 4.13 -11.00 9.38
C TYR A 125 3.05 -10.34 10.25
N VAL A 126 1.98 -9.87 9.61
CA VAL A 126 0.86 -9.22 10.28
C VAL A 126 -0.32 -10.19 10.26
N PRO A 127 -0.68 -10.82 11.38
CA PRO A 127 -1.62 -11.96 11.35
C PRO A 127 -3.09 -11.60 11.26
N GLY A 128 -3.47 -10.33 11.39
CA GLY A 128 -4.88 -9.97 11.38
C GLY A 128 -5.59 -10.01 10.04
N GLY A 129 -4.85 -10.14 8.93
CA GLY A 129 -5.47 -10.22 7.63
C GLY A 129 -5.64 -8.87 6.94
N GLU A 130 -6.11 -8.93 5.68
CA GLU A 130 -6.35 -7.72 4.88
C GLU A 130 -7.63 -7.01 5.32
N MET A 131 -7.60 -5.66 5.27
CA MET A 131 -8.82 -4.87 5.47
C MET A 131 -9.95 -5.36 4.58
N PHE A 132 -9.60 -5.75 3.34
CA PHE A 132 -10.59 -6.23 2.38
C PHE A 132 -11.49 -7.33 2.95
N SER A 133 -10.89 -8.33 3.61
N SER A 133 -10.92 -8.32 3.65
CA SER A 133 -11.67 -9.43 4.19
CA SER A 133 -11.75 -9.41 4.15
C SER A 133 -12.65 -8.92 5.24
C SER A 133 -12.66 -8.97 5.29
N HIS A 134 -12.19 -8.06 6.16
CA HIS A 134 -13.05 -7.57 7.23
C HIS A 134 -14.17 -6.69 6.69
N LEU A 135 -13.88 -5.85 5.67
CA LEU A 135 -14.91 -5.02 5.06
C LEU A 135 -16.01 -5.86 4.41
N ARG A 136 -15.63 -6.88 3.65
CA ARG A 136 -16.63 -7.72 2.98
C ARG A 136 -17.42 -8.57 3.97
N ARG A 137 -16.81 -8.94 5.11
CA ARG A 137 -17.51 -9.70 6.13
C ARG A 137 -18.57 -8.87 6.85
N ILE A 138 -18.24 -7.63 7.22
CA ILE A 138 -19.17 -6.77 7.97
C ILE A 138 -20.17 -6.06 7.05
N GLY A 139 -19.82 -5.84 5.79
CA GLY A 139 -20.65 -5.10 4.86
C GLY A 139 -20.13 -3.70 4.60
N ARG A 140 -20.19 -2.82 5.60
CA ARG A 140 -19.58 -1.50 5.52
C ARG A 140 -19.11 -1.10 6.90
N PHE A 141 -18.16 -0.16 6.96
CA PHE A 141 -17.70 0.42 8.23
C PHE A 141 -18.52 1.67 8.57
N SEP A 142 -18.82 1.87 9.86
CA SEP A 142 -19.42 3.14 10.32
CB SEP A 142 -19.68 3.06 11.83
OG SEP A 142 -18.46 3.13 12.55
C SEP A 142 -18.48 4.31 10.01
O SEP A 142 -17.27 4.11 9.85
P SEP A 142 -18.56 2.81 14.15
O1P SEP A 142 -19.09 1.31 14.33
O2P SEP A 142 -17.10 2.94 14.82
O3P SEP A 142 -19.57 3.80 14.87
N GLU A 143 -18.98 5.54 9.94
CA GLU A 143 -18.08 6.69 9.69
C GLU A 143 -16.90 6.83 10.68
N PRO A 144 -17.15 6.70 12.00
CA PRO A 144 -16.00 6.73 12.94
C PRO A 144 -14.94 5.67 12.64
N HIS A 145 -15.36 4.45 12.26
CA HIS A 145 -14.43 3.36 11.96
C HIS A 145 -13.63 3.65 10.67
N ALA A 146 -14.32 4.09 9.61
CA ALA A 146 -13.65 4.51 8.38
C ALA A 146 -12.68 5.67 8.61
N ARG A 147 -13.07 6.64 9.47
CA ARG A 147 -12.25 7.82 9.75
C ARG A 147 -10.95 7.46 10.48
N PHE A 148 -11.01 6.48 11.40
CA PHE A 148 -9.81 5.99 12.08
C PHE A 148 -8.76 5.47 11.09
N TYR A 149 -9.19 4.62 10.13
CA TYR A 149 -8.28 4.13 9.11
C TYR A 149 -7.82 5.24 8.17
N ALA A 150 -8.75 6.12 7.76
CA ALA A 150 -8.40 7.20 6.82
C ALA A 150 -7.33 8.12 7.40
N ALA A 151 -7.43 8.44 8.71
CA ALA A 151 -6.42 9.31 9.33
C ALA A 151 -5.02 8.73 9.23
N GLN A 152 -4.90 7.40 9.38
CA GLN A 152 -3.60 6.74 9.26
C GLN A 152 -3.04 6.86 7.83
N ILE A 153 -3.91 6.73 6.82
CA ILE A 153 -3.45 6.89 5.42
C ILE A 153 -3.02 8.33 5.15
N VAL A 154 -3.75 9.32 5.69
CA VAL A 154 -3.37 10.72 5.49
C VAL A 154 -1.97 10.99 6.03
N LEU A 155 -1.69 10.55 7.27
CA LEU A 155 -0.35 10.73 7.84
C LEU A 155 0.72 9.98 7.03
N THR A 156 0.41 8.76 6.57
CA THR A 156 1.38 7.97 5.79
C THR A 156 1.72 8.66 4.47
N PHE A 157 0.72 9.22 3.77
CA PHE A 157 0.98 9.93 2.51
C PHE A 157 1.71 11.25 2.75
N GLU A 158 1.42 11.96 3.86
CA GLU A 158 2.20 13.14 4.20
C GLU A 158 3.68 12.79 4.33
N TYR A 159 3.98 11.69 5.03
CA TYR A 159 5.36 11.19 5.16
C TYR A 159 5.97 10.84 3.80
N LEU A 160 5.31 9.97 3.04
CA LEU A 160 5.88 9.50 1.76
C LEU A 160 6.08 10.66 0.78
N HIS A 161 5.08 11.56 0.66
CA HIS A 161 5.20 12.64 -0.31
C HIS A 161 6.32 13.63 0.06
N SER A 162 6.60 13.79 1.35
N SER A 162 6.58 13.81 1.35
CA SER A 162 7.69 14.68 1.76
CA SER A 162 7.68 14.66 1.76
C SER A 162 9.07 14.11 1.42
C SER A 162 9.03 14.13 1.27
N LEU A 163 9.15 12.81 1.14
CA LEU A 163 10.35 12.15 0.65
C LEU A 163 10.41 12.09 -0.86
N ASP A 164 9.47 12.77 -1.54
CA ASP A 164 9.32 12.72 -3.00
C ASP A 164 8.91 11.34 -3.52
N LEU A 165 8.16 10.57 -2.73
CA LEU A 165 7.69 9.24 -3.12
C LEU A 165 6.20 9.26 -3.42
N ILE A 166 5.78 8.61 -4.52
CA ILE A 166 4.38 8.35 -4.85
C ILE A 166 4.11 6.87 -4.64
N TYR A 167 2.98 6.53 -4.01
CA TYR A 167 2.67 5.14 -3.63
C TYR A 167 2.04 4.33 -4.77
N ARG A 168 0.96 4.83 -5.37
CA ARG A 168 0.37 4.32 -6.61
C ARG A 168 -0.33 2.96 -6.53
N ASP A 169 -0.63 2.43 -5.33
CA ASP A 169 -1.37 1.16 -5.28
C ASP A 169 -2.31 1.08 -4.06
N LEU A 170 -2.94 2.20 -3.67
CA LEU A 170 -3.87 2.16 -2.55
C LEU A 170 -5.12 1.36 -2.91
N LYS A 171 -5.47 0.38 -2.07
CA LYS A 171 -6.67 -0.44 -2.18
C LYS A 171 -6.79 -1.27 -0.90
N PRO A 172 -8.00 -1.77 -0.57
CA PRO A 172 -8.18 -2.48 0.72
C PRO A 172 -7.34 -3.74 0.88
N GLU A 173 -6.98 -4.40 -0.23
CA GLU A 173 -6.17 -5.61 -0.17
C GLU A 173 -4.75 -5.35 0.34
N ASN A 174 -4.25 -4.11 0.20
CA ASN A 174 -2.88 -3.78 0.57
C ASN A 174 -2.75 -3.21 1.98
N LEU A 175 -3.84 -3.17 2.75
CA LEU A 175 -3.84 -2.61 4.10
C LEU A 175 -4.11 -3.74 5.09
N LEU A 176 -3.06 -4.14 5.83
CA LEU A 176 -3.21 -5.22 6.80
C LEU A 176 -3.55 -4.67 8.19
N ILE A 177 -4.33 -5.44 8.97
CA ILE A 177 -4.74 -5.02 10.31
C ILE A 177 -3.91 -5.77 11.35
N ASP A 178 -3.23 -5.02 12.22
CA ASP A 178 -2.28 -5.61 13.17
C ASP A 178 -2.92 -6.01 14.50
N GLN A 179 -2.09 -6.47 15.45
CA GLN A 179 -2.58 -6.98 16.72
C GLN A 179 -3.22 -5.91 17.60
N GLN A 180 -2.99 -4.62 17.29
CA GLN A 180 -3.59 -3.51 18.01
C GLN A 180 -4.78 -2.91 17.26
N GLY A 181 -5.15 -3.47 16.11
CA GLY A 181 -6.20 -2.91 15.28
C GLY A 181 -5.79 -1.78 14.36
N TYR A 182 -4.49 -1.48 14.24
CA TYR A 182 -4.00 -0.41 13.38
C TYR A 182 -3.59 -0.96 12.00
N ILE A 183 -3.49 -0.04 11.02
CA ILE A 183 -3.11 -0.39 9.64
C ILE A 183 -1.60 -0.51 9.50
N GLN A 184 -1.17 -1.50 8.71
CA GLN A 184 0.20 -1.54 8.15
C GLN A 184 0.12 -1.75 6.63
N VAL A 185 0.66 -0.79 5.87
CA VAL A 185 0.64 -0.85 4.40
C VAL A 185 1.70 -1.83 3.90
N THR A 186 1.30 -2.73 3.00
CA THR A 186 2.17 -3.67 2.33
C THR A 186 2.09 -3.48 0.82
N ASP A 187 3.11 -3.95 0.11
CA ASP A 187 3.22 -3.94 -1.35
C ASP A 187 3.62 -2.59 -1.92
N PHE A 188 4.94 -2.37 -2.07
CA PHE A 188 5.52 -1.19 -2.69
C PHE A 188 5.91 -1.42 -4.15
N GLY A 189 5.26 -2.38 -4.83
CA GLY A 189 5.64 -2.75 -6.19
C GLY A 189 5.50 -1.64 -7.22
N PHE A 190 4.62 -0.67 -6.98
CA PHE A 190 4.45 0.46 -7.89
C PHE A 190 4.98 1.79 -7.34
N ALA A 191 5.57 1.80 -6.14
CA ALA A 191 6.04 3.05 -5.55
C ALA A 191 7.30 3.55 -6.26
N LYS A 192 7.49 4.87 -6.30
CA LYS A 192 8.59 5.45 -7.08
C LYS A 192 8.98 6.81 -6.52
N ARG A 193 10.28 7.12 -6.56
CA ARG A 193 10.78 8.44 -6.21
C ARG A 193 10.69 9.34 -7.44
N VAL A 194 9.94 10.43 -7.33
CA VAL A 194 9.53 11.27 -8.45
C VAL A 194 9.64 12.73 -8.03
N LYS A 195 10.51 13.49 -8.70
CA LYS A 195 10.48 14.95 -8.64
C LYS A 195 9.87 15.44 -9.93
N GLY A 196 8.64 15.94 -9.85
CA GLY A 196 7.91 16.39 -11.02
C GLY A 196 6.84 15.39 -11.43
N ARG A 197 6.85 15.00 -12.70
CA ARG A 197 5.84 14.14 -13.29
C ARG A 197 6.42 12.75 -13.56
N THR A 198 5.51 11.77 -13.68
CA THR A 198 5.85 10.43 -14.15
C THR A 198 4.74 9.94 -15.08
N TRP A 199 5.00 8.87 -15.83
CA TRP A 199 4.11 8.49 -16.95
C TRP A 199 3.57 7.03 -17.01
N TPO A 200 4.04 6.13 -16.15
CA TPO A 200 3.71 4.71 -16.33
CB TPO A 200 4.62 3.79 -15.48
CG2 TPO A 200 4.44 2.30 -15.80
OG1 TPO A 200 5.97 4.13 -15.70
P TPO A 200 6.83 4.79 -14.39
O1P TPO A 200 6.86 3.66 -13.38
O2P TPO A 200 8.19 5.20 -14.94
O3P TPO A 200 5.98 5.98 -13.95
C TPO A 200 2.25 4.34 -16.01
O TPO A 200 1.72 4.81 -15.00
N LEU A 201 1.59 3.57 -16.88
CA LEU A 201 0.25 3.06 -16.59
C LEU A 201 0.34 1.91 -15.59
N CYS A 202 -0.09 2.15 -14.35
CA CYS A 202 -0.10 1.11 -13.35
C CYS A 202 -1.11 1.44 -12.27
N GLY A 203 -1.47 0.43 -11.50
CA GLY A 203 -2.49 0.52 -10.47
C GLY A 203 -3.59 -0.50 -10.71
N THR A 204 -4.65 -0.39 -9.92
CA THR A 204 -5.80 -1.25 -10.06
C THR A 204 -7.00 -0.44 -10.60
N PRO A 205 -7.78 -0.98 -11.55
CA PRO A 205 -8.75 -0.13 -12.27
C PRO A 205 -9.69 0.74 -11.44
N GLU A 206 -10.35 0.21 -10.41
CA GLU A 206 -11.33 1.01 -9.66
C GLU A 206 -10.69 2.20 -8.95
N TYR A 207 -9.37 2.20 -8.76
CA TYR A 207 -8.68 3.22 -7.99
C TYR A 207 -7.88 4.23 -8.82
N LEU A 208 -7.90 4.14 -10.16
CA LEU A 208 -7.06 5.02 -10.99
C LEU A 208 -7.65 6.42 -11.16
N ALA A 209 -6.78 7.43 -11.04
CA ALA A 209 -7.19 8.81 -11.28
C ALA A 209 -7.39 9.06 -12.78
N PRO A 210 -8.23 10.05 -13.14
CA PRO A 210 -8.46 10.32 -14.57
C PRO A 210 -7.19 10.58 -15.36
N GLU A 211 -6.22 11.30 -14.78
CA GLU A 211 -5.01 11.64 -15.53
C GLU A 211 -4.14 10.42 -15.85
N ILE A 212 -4.23 9.34 -15.06
CA ILE A 212 -3.57 8.08 -15.43
C ILE A 212 -4.28 7.45 -16.63
N ILE A 213 -5.61 7.36 -16.58
CA ILE A 213 -6.39 6.76 -17.66
C ILE A 213 -6.15 7.49 -18.99
N LEU A 214 -5.96 8.82 -18.94
CA LEU A 214 -5.78 9.63 -20.14
C LEU A 214 -4.33 9.73 -20.61
N SER A 215 -3.42 8.94 -20.01
CA SER A 215 -2.03 8.83 -20.47
C SER A 215 -1.28 10.16 -20.36
N LYS A 216 -1.59 10.94 -19.33
CA LYS A 216 -0.91 12.21 -19.09
C LYS A 216 0.31 12.00 -18.19
N GLY A 217 1.17 13.02 -18.14
CA GLY A 217 2.16 13.09 -17.08
C GLY A 217 1.49 13.48 -15.77
N TYR A 218 1.67 12.68 -14.73
CA TYR A 218 0.93 12.86 -13.48
C TYR A 218 1.87 12.97 -12.27
N ASN A 219 1.31 13.32 -11.12
CA ASN A 219 2.10 13.59 -9.92
C ASN A 219 1.42 12.99 -8.69
N LYS A 220 1.84 13.43 -7.50
CA LYS A 220 1.36 12.87 -6.24
C LYS A 220 -0.14 13.08 -6.02
N ALA A 221 -0.79 13.94 -6.81
CA ALA A 221 -2.24 14.10 -6.68
C ALA A 221 -3.00 12.80 -6.95
N VAL A 222 -2.40 11.82 -7.64
CA VAL A 222 -3.11 10.56 -7.89
C VAL A 222 -3.33 9.77 -6.60
N ASP A 223 -2.46 9.94 -5.59
CA ASP A 223 -2.63 9.26 -4.30
C ASP A 223 -3.82 9.84 -3.54
N TRP A 224 -4.05 11.16 -3.64
CA TRP A 224 -5.18 11.78 -2.95
C TRP A 224 -6.51 11.41 -3.61
N TRP A 225 -6.54 11.28 -4.95
CA TRP A 225 -7.71 10.70 -5.61
C TRP A 225 -8.00 9.30 -5.07
N ALA A 226 -6.98 8.44 -5.02
CA ALA A 226 -7.18 7.07 -4.53
C ALA A 226 -7.71 7.04 -3.09
N LEU A 227 -7.30 7.99 -2.25
CA LEU A 227 -7.84 8.09 -0.88
C LEU A 227 -9.34 8.37 -0.90
N GLY A 228 -9.79 9.22 -1.82
CA GLY A 228 -11.23 9.42 -1.99
C GLY A 228 -11.97 8.12 -2.31
N VAL A 229 -11.42 7.31 -3.22
CA VAL A 229 -12.04 6.02 -3.57
C VAL A 229 -12.09 5.10 -2.34
N LEU A 230 -10.99 5.03 -1.58
CA LEU A 230 -10.93 4.16 -0.40
C LEU A 230 -11.96 4.57 0.65
N ILE A 231 -12.04 5.87 0.97
CA ILE A 231 -13.01 6.34 1.98
C ILE A 231 -14.45 6.03 1.55
N TYR A 232 -14.79 6.30 0.29
CA TYR A 232 -16.11 5.93 -0.24
C TYR A 232 -16.38 4.44 -0.06
N GLU A 233 -15.42 3.57 -0.45
CA GLU A 233 -15.64 2.12 -0.37
C GLU A 233 -15.78 1.64 1.08
N MET A 234 -14.97 2.17 2.00
CA MET A 234 -15.10 1.77 3.40
C MET A 234 -16.48 2.13 3.98
N ALA A 235 -17.02 3.31 3.64
CA ALA A 235 -18.27 3.81 4.21
C ALA A 235 -19.52 3.31 3.48
N ALA A 236 -19.42 2.93 2.21
CA ALA A 236 -20.56 2.41 1.46
C ALA A 236 -20.57 0.89 1.35
N GLY A 237 -19.40 0.25 1.30
CA GLY A 237 -19.30 -1.18 1.04
C GLY A 237 -18.94 -1.55 -0.38
N TYR A 238 -18.92 -0.59 -1.30
CA TYR A 238 -18.59 -0.79 -2.71
C TYR A 238 -17.94 0.49 -3.24
N PRO A 239 -17.13 0.39 -4.30
CA PRO A 239 -16.41 1.59 -4.77
C PRO A 239 -17.29 2.49 -5.63
N PRO A 240 -16.91 3.76 -5.81
CA PRO A 240 -17.83 4.71 -6.46
C PRO A 240 -18.00 4.55 -7.96
N PHE A 241 -17.03 3.98 -8.67
CA PHE A 241 -17.10 3.90 -10.13
C PHE A 241 -17.30 2.47 -10.63
N PHE A 242 -17.98 1.65 -9.83
CA PHE A 242 -18.13 0.23 -10.11
C PHE A 242 -18.80 -0.04 -11.46
N ALA A 243 -18.25 -1.00 -12.19
CA ALA A 243 -18.85 -1.52 -13.41
C ALA A 243 -18.28 -2.91 -13.68
N ASP A 244 -18.85 -3.59 -14.68
CA ASP A 244 -18.55 -4.99 -14.93
C ASP A 244 -17.22 -5.20 -15.64
N GLN A 245 -16.79 -4.27 -16.49
CA GLN A 245 -15.55 -4.40 -17.24
C GLN A 245 -14.72 -3.13 -17.11
N PRO A 246 -13.39 -3.23 -17.24
CA PRO A 246 -12.53 -2.06 -17.04
C PRO A 246 -12.83 -0.87 -17.94
N ILE A 247 -13.16 -1.11 -19.22
CA ILE A 247 -13.45 0.01 -20.11
C ILE A 247 -14.66 0.80 -19.59
N GLN A 248 -15.63 0.11 -19.01
CA GLN A 248 -16.80 0.78 -18.46
C GLN A 248 -16.46 1.53 -17.18
N ILE A 249 -15.55 0.98 -16.37
CA ILE A 249 -15.08 1.70 -15.19
C ILE A 249 -14.37 3.00 -15.59
N TYR A 250 -13.52 2.93 -16.62
CA TYR A 250 -12.75 4.12 -17.02
C TYR A 250 -13.67 5.22 -17.51
N GLU A 251 -14.73 4.87 -18.24
CA GLU A 251 -15.67 5.88 -18.71
C GLU A 251 -16.35 6.60 -17.54
N LYS A 252 -16.66 5.85 -16.47
CA LYS A 252 -17.27 6.47 -15.29
C LYS A 252 -16.28 7.38 -14.56
N ILE A 253 -15.02 6.95 -14.45
CA ILE A 253 -14.02 7.75 -13.74
C ILE A 253 -13.82 9.10 -14.42
N VAL A 254 -13.65 9.12 -15.75
CA VAL A 254 -13.37 10.38 -16.43
C VAL A 254 -14.58 11.31 -16.49
N SER A 255 -15.79 10.78 -16.36
N SER A 255 -15.78 10.80 -16.21
CA SER A 255 -16.94 11.65 -16.19
CA SER A 255 -17.01 11.58 -16.43
C SER A 255 -16.99 12.20 -14.77
C SER A 255 -17.16 12.73 -15.44
N GLY A 256 -16.46 11.46 -13.81
N GLY A 256 -16.69 12.57 -14.20
CA GLY A 256 -16.47 11.88 -12.42
CA GLY A 256 -16.85 13.61 -13.22
C GLY A 256 -17.83 11.90 -11.78
C GLY A 256 -18.17 13.62 -12.48
N LYS A 257 -18.86 11.38 -12.43
N LYS A 257 -18.84 12.47 -12.40
CA LYS A 257 -20.19 11.34 -11.85
CA LYS A 257 -20.10 12.35 -11.67
C LYS A 257 -20.22 10.36 -10.69
C LYS A 257 -20.03 11.13 -10.75
N VAL A 258 -20.45 10.87 -9.48
N VAL A 258 -20.62 11.28 -9.56
CA VAL A 258 -20.46 10.07 -8.27
CA VAL A 258 -20.69 10.20 -8.57
C VAL A 258 -21.79 10.29 -7.55
C VAL A 258 -22.07 10.31 -7.92
N ARG A 259 -22.51 9.21 -7.29
CA ARG A 259 -23.74 9.21 -6.51
C ARG A 259 -23.43 8.75 -5.09
N PHE A 260 -23.93 9.47 -4.09
CA PHE A 260 -23.64 9.12 -2.70
C PHE A 260 -24.85 8.48 -2.04
N PRO A 261 -24.66 7.42 -1.23
CA PRO A 261 -25.79 6.88 -0.45
C PRO A 261 -26.35 7.92 0.50
N SER A 262 -27.66 7.83 0.74
CA SER A 262 -28.31 8.80 1.62
C SER A 262 -27.80 8.71 3.06
N HIS A 263 -27.27 7.56 3.48
CA HIS A 263 -26.79 7.50 4.85
C HIS A 263 -25.48 8.26 5.07
N PHE A 264 -24.76 8.65 4.02
CA PHE A 264 -23.56 9.47 4.17
C PHE A 264 -23.88 10.82 4.82
N SER A 265 -23.04 11.26 5.75
CA SER A 265 -23.19 12.60 6.32
C SER A 265 -22.87 13.68 5.28
N SER A 266 -23.37 14.91 5.52
CA SER A 266 -23.04 16.03 4.64
C SER A 266 -21.54 16.32 4.61
N ASP A 267 -20.88 16.24 5.77
CA ASP A 267 -19.42 16.44 5.81
C ASP A 267 -18.65 15.42 4.96
N LEU A 268 -19.08 14.14 5.00
CA LEU A 268 -18.41 13.12 4.20
C LEU A 268 -18.58 13.39 2.72
N LYS A 269 -19.80 13.70 2.29
CA LYS A 269 -20.02 14.05 0.88
C LYS A 269 -19.13 15.22 0.45
N ASP A 270 -19.00 16.26 1.28
CA ASP A 270 -18.20 17.42 0.89
C ASP A 270 -16.72 17.06 0.73
N LEU A 271 -16.16 16.32 1.68
CA LEU A 271 -14.77 15.88 1.55
C LEU A 271 -14.56 15.06 0.28
N LEU A 272 -15.47 14.10 0.01
CA LEU A 272 -15.32 13.24 -1.17
C LEU A 272 -15.40 14.01 -2.49
N ARG A 273 -16.24 15.04 -2.57
CA ARG A 273 -16.31 15.84 -3.80
C ARG A 273 -14.99 16.55 -4.08
N ASN A 274 -14.25 16.90 -3.02
CA ASN A 274 -12.97 17.58 -3.16
C ASN A 274 -11.79 16.64 -3.40
N LEU A 275 -11.85 15.39 -2.93
CA LEU A 275 -10.83 14.40 -3.26
C LEU A 275 -11.07 13.77 -4.64
N LEU A 276 -12.33 13.51 -4.99
CA LEU A 276 -12.69 12.95 -6.30
C LEU A 276 -12.95 14.06 -7.32
N GLN A 277 -12.05 15.02 -7.36
CA GLN A 277 -12.10 16.15 -8.28
C GLN A 277 -11.33 15.78 -9.55
N VAL A 278 -12.01 15.78 -10.69
CA VAL A 278 -11.39 15.35 -11.95
C VAL A 278 -10.26 16.29 -12.37
N ASP A 279 -10.38 17.59 -12.09
CA ASP A 279 -9.34 18.56 -12.43
C ASP A 279 -8.28 18.51 -11.33
N LEU A 280 -7.10 17.97 -11.66
CA LEU A 280 -6.07 17.76 -10.65
C LEU A 280 -5.57 19.06 -10.03
N THR A 281 -5.70 20.20 -10.73
CA THR A 281 -5.27 21.48 -10.17
C THR A 281 -6.23 22.03 -9.11
N LYS A 282 -7.38 21.38 -8.90
CA LYS A 282 -8.38 21.79 -7.92
C LYS A 282 -8.60 20.74 -6.83
N ARG A 283 -7.82 19.67 -6.81
CA ARG A 283 -8.06 18.51 -5.93
C ARG A 283 -7.41 18.74 -4.56
N PHE A 284 -8.18 18.46 -3.49
CA PHE A 284 -7.61 18.53 -2.15
C PHE A 284 -6.37 17.64 -2.04
N GLY A 285 -5.37 18.14 -1.29
CA GLY A 285 -4.06 17.56 -1.26
C GLY A 285 -3.08 18.18 -2.24
N ASN A 286 -3.57 18.85 -3.28
CA ASN A 286 -2.74 19.41 -4.35
C ASN A 286 -2.89 20.93 -4.48
N LEU A 287 -3.46 21.59 -3.47
CA LEU A 287 -3.60 23.04 -3.48
C LEU A 287 -2.45 23.68 -2.69
N LYS A 288 -2.49 25.01 -2.58
CA LYS A 288 -1.41 25.75 -1.93
C LYS A 288 -1.17 25.28 -0.49
N ASN A 289 -2.22 24.87 0.22
CA ASN A 289 -2.08 24.43 1.61
C ASN A 289 -1.81 22.93 1.75
N GLY A 290 -1.67 22.20 0.65
CA GLY A 290 -1.26 20.81 0.73
C GLY A 290 -2.17 19.94 1.58
N VAL A 291 -1.56 19.09 2.40
CA VAL A 291 -2.32 18.14 3.22
C VAL A 291 -3.20 18.84 4.26
N ASN A 292 -2.93 20.10 4.58
CA ASN A 292 -3.70 20.73 5.65
C ASN A 292 -5.15 21.03 5.26
N ASP A 293 -5.46 21.17 3.97
CA ASP A 293 -6.87 21.25 3.56
C ASP A 293 -7.63 19.99 3.94
N ILE A 294 -6.96 18.82 3.92
CA ILE A 294 -7.60 17.57 4.33
C ILE A 294 -7.69 17.47 5.86
N LYS A 295 -6.57 17.69 6.55
CA LYS A 295 -6.54 17.54 8.01
C LYS A 295 -7.50 18.49 8.72
N ASN A 296 -7.76 19.67 8.16
CA ASN A 296 -8.62 20.69 8.77
C ASN A 296 -10.07 20.62 8.30
N HIS A 297 -10.42 19.66 7.45
CA HIS A 297 -11.80 19.52 6.97
C HIS A 297 -12.72 19.08 8.12
N LYS A 298 -13.97 19.54 8.06
CA LYS A 298 -14.96 19.22 9.11
C LYS A 298 -15.13 17.71 9.35
N TRP A 299 -14.97 16.86 8.32
CA TRP A 299 -15.15 15.42 8.55
C TRP A 299 -14.13 14.88 9.55
N PHE A 300 -12.95 15.50 9.65
CA PHE A 300 -11.90 15.11 10.57
C PHE A 300 -11.88 15.92 11.88
N ALA A 301 -12.96 16.63 12.23
CA ALA A 301 -12.93 17.51 13.41
C ALA A 301 -12.68 16.76 14.72
N THR A 302 -13.12 15.50 14.82
CA THR A 302 -12.94 14.70 16.03
C THR A 302 -11.58 13.99 16.10
N THR A 303 -10.73 14.11 15.07
CA THR A 303 -9.50 13.33 15.00
C THR A 303 -8.37 14.02 15.76
N ASP A 304 -7.71 13.27 16.65
CA ASP A 304 -6.50 13.70 17.36
C ASP A 304 -5.30 13.14 16.59
N TRP A 305 -4.72 13.97 15.71
CA TRP A 305 -3.69 13.52 14.79
C TRP A 305 -2.45 13.00 15.53
N ILE A 306 -2.09 13.66 16.64
CA ILE A 306 -0.91 13.23 17.40
C ILE A 306 -1.17 11.89 18.08
N ALA A 307 -2.36 11.73 18.67
CA ALA A 307 -2.68 10.48 19.36
C ALA A 307 -2.74 9.30 18.40
N ILE A 308 -3.21 9.52 17.17
CA ILE A 308 -3.20 8.47 16.15
C ILE A 308 -1.76 8.06 15.81
N TYR A 309 -0.90 9.06 15.53
CA TYR A 309 0.50 8.75 15.20
C TYR A 309 1.18 7.96 16.31
N GLN A 310 0.89 8.31 17.56
CA GLN A 310 1.52 7.68 18.71
C GLN A 310 0.88 6.36 19.11
N ARG A 311 -0.17 5.93 18.40
CA ARG A 311 -0.88 4.67 18.68
C ARG A 311 -1.49 4.66 20.08
N LYS A 312 -2.10 5.77 20.48
CA LYS A 312 -2.71 5.91 21.80
C LYS A 312 -4.24 5.86 21.78
N VAL A 313 -4.86 5.79 20.60
CA VAL A 313 -6.31 5.69 20.45
C VAL A 313 -6.72 4.22 20.45
N GLU A 314 -7.79 3.89 21.16
CA GLU A 314 -8.32 2.53 21.12
C GLU A 314 -8.97 2.27 19.76
N ALA A 315 -8.60 1.16 19.13
CA ALA A 315 -9.06 0.86 17.79
C ALA A 315 -10.53 0.39 17.79
N PRO A 316 -11.21 0.51 16.65
CA PRO A 316 -12.62 0.05 16.57
C PRO A 316 -12.80 -1.44 16.74
N PHE A 317 -11.85 -2.26 16.28
CA PHE A 317 -11.90 -3.68 16.59
C PHE A 317 -10.52 -4.31 16.44
N ILE A 318 -10.34 -5.41 17.17
CA ILE A 318 -9.13 -6.21 17.12
C ILE A 318 -9.46 -7.48 16.36
N PRO A 319 -8.70 -7.85 15.34
CA PRO A 319 -8.94 -9.13 14.64
C PRO A 319 -8.80 -10.30 15.60
N LYS A 320 -9.56 -11.36 15.32
CA LYS A 320 -9.52 -12.59 16.11
C LYS A 320 -8.44 -13.51 15.55
N PHE A 321 -7.43 -13.83 16.36
CA PHE A 321 -6.39 -14.77 15.97
C PHE A 321 -5.75 -15.30 17.24
N LYS A 322 -5.06 -16.44 17.11
CA LYS A 322 -4.58 -17.18 18.28
C LYS A 322 -3.14 -16.87 18.67
N GLY A 323 -2.33 -16.35 17.76
CA GLY A 323 -0.92 -16.12 18.03
C GLY A 323 -0.20 -15.65 16.79
N PRO A 324 1.10 -15.37 16.92
CA PRO A 324 1.86 -14.78 15.81
C PRO A 324 2.02 -15.69 14.59
N GLY A 325 1.75 -16.98 14.70
CA GLY A 325 1.78 -17.89 13.56
C GLY A 325 0.43 -18.31 13.01
N ASP A 326 -0.67 -17.75 13.52
N ASP A 326 -0.66 -17.70 13.48
CA ASP A 326 -2.00 -18.12 13.05
CA ASP A 326 -2.00 -18.05 13.06
C ASP A 326 -2.21 -17.59 11.64
C ASP A 326 -2.27 -17.55 11.63
N THR A 327 -2.74 -18.44 10.75
CA THR A 327 -3.05 -18.09 9.36
C THR A 327 -4.55 -18.04 9.06
N SER A 328 -5.41 -18.10 10.07
N SER A 328 -5.42 -18.11 10.07
CA SER A 328 -6.85 -18.24 9.84
CA SER A 328 -6.85 -18.24 9.85
C SER A 328 -7.46 -17.05 9.10
C SER A 328 -7.49 -17.04 9.15
N ASN A 329 -6.86 -15.86 9.21
CA ASN A 329 -7.41 -14.67 8.56
C ASN A 329 -6.98 -14.50 7.09
N PHE A 330 -6.17 -15.42 6.56
CA PHE A 330 -5.81 -15.47 5.14
C PHE A 330 -6.40 -16.74 4.52
N ASP A 331 -6.40 -16.83 3.19
CA ASP A 331 -7.13 -17.90 2.53
C ASP A 331 -6.19 -18.98 1.95
N ASP A 332 -6.79 -19.97 1.28
CA ASP A 332 -6.09 -21.20 0.89
C ASP A 332 -5.75 -21.20 -0.60
N TYR A 333 -4.49 -21.53 -0.91
CA TYR A 333 -3.97 -21.60 -2.28
C TYR A 333 -3.23 -22.92 -2.51
N GLU A 334 -3.18 -23.36 -3.75
CA GLU A 334 -2.39 -24.55 -4.09
C GLU A 334 -0.92 -24.32 -3.72
N GLU A 335 -0.31 -25.32 -3.07
CA GLU A 335 1.06 -25.20 -2.58
C GLU A 335 2.06 -25.69 -3.64
N GLU A 336 2.90 -24.77 -4.14
CA GLU A 336 3.86 -25.05 -5.22
C GLU A 336 5.31 -24.92 -4.73
N GLU A 337 6.23 -25.58 -5.46
CA GLU A 337 7.65 -25.61 -5.09
C GLU A 337 8.30 -24.22 -5.14
N ILE A 338 9.35 -24.04 -4.33
CA ILE A 338 10.30 -22.93 -4.48
C ILE A 338 11.58 -23.49 -5.06
N ARG A 339 11.68 -23.50 -6.38
CA ARG A 339 12.79 -24.14 -7.06
C ARG A 339 13.90 -23.13 -7.35
N VAL A 340 15.14 -23.58 -7.24
CA VAL A 340 16.30 -22.73 -7.51
C VAL A 340 17.21 -23.42 -8.54
N SEP A 341 17.35 -22.82 -9.72
CA SEP A 341 18.11 -23.44 -10.80
CB SEP A 341 17.96 -22.62 -12.09
OG SEP A 341 18.86 -23.06 -13.10
C SEP A 341 19.59 -23.62 -10.45
O SEP A 341 20.13 -22.92 -9.60
P SEP A 341 18.25 -24.24 -14.00
O1P SEP A 341 18.98 -24.19 -15.44
O2P SEP A 341 18.53 -25.65 -13.27
O3P SEP A 341 16.67 -24.03 -14.19
N ILE A 342 20.24 -24.57 -11.11
CA ILE A 342 21.68 -24.77 -10.90
C ILE A 342 22.49 -23.72 -11.67
N ASN A 343 21.84 -23.00 -12.58
CA ASN A 343 22.46 -21.94 -13.37
C ASN A 343 21.83 -20.59 -13.02
N GLU A 344 22.63 -19.53 -13.11
CA GLU A 344 22.16 -18.19 -12.78
C GLU A 344 21.34 -17.59 -13.91
N LYS A 345 20.20 -16.98 -13.57
CA LYS A 345 19.30 -16.36 -14.54
C LYS A 345 19.27 -14.85 -14.34
N CYS A 346 19.39 -14.11 -15.44
CA CYS A 346 19.16 -12.65 -15.44
C CYS A 346 20.07 -11.91 -14.45
N GLY A 347 21.34 -12.31 -14.38
CA GLY A 347 22.24 -11.72 -13.42
C GLY A 347 22.47 -10.23 -13.63
N LYS A 348 22.70 -9.84 -14.90
CA LYS A 348 22.98 -8.44 -15.20
C LYS A 348 21.83 -7.53 -14.82
N GLU A 349 20.60 -7.94 -15.12
CA GLU A 349 19.43 -7.09 -14.91
C GLU A 349 19.23 -6.74 -13.45
N PHE A 350 19.60 -7.63 -12.53
CA PHE A 350 19.32 -7.45 -11.11
C PHE A 350 20.60 -7.23 -10.28
N THR A 351 21.66 -6.73 -10.92
CA THR A 351 22.94 -6.52 -10.23
C THR A 351 22.78 -5.69 -8.94
N GLU A 352 21.95 -4.64 -8.98
CA GLU A 352 21.83 -3.75 -7.82
C GLU A 352 20.96 -4.30 -6.70
N PHE A 353 20.23 -5.39 -6.92
CA PHE A 353 19.31 -5.90 -5.90
C PHE A 353 20.08 -6.52 -4.73
C13 A1JEN B . -0.35 -11.12 0.99
C12 A1JEN B . -0.60 -12.03 1.96
C11 A1JEN B . -0.17 -11.80 3.21
C10 A1JEN B . 0.47 -10.65 3.51
C01 A1JEN B . 0.55 -8.98 0.16
C02 A1JEN B . -1.95 -8.62 -0.36
C03 A1JEN B . -2.65 -9.09 -1.63
C04 A1JEN B . -0.89 -7.90 -2.99
C05 A1JEN B . -1.09 -6.78 -3.99
C06 A1JEN B . -3.09 -7.76 -3.73
C07 A1JEN B . -0.18 -7.47 -1.67
C08 A1JEN B . 0.29 -9.96 1.29
C09 A1JEN B . 0.73 -9.73 2.54
N01 A1JEN B . -0.50 -8.40 -0.56
N02 A1JEN B . -2.25 -8.27 -2.77
O01 A1JEN B . 1.72 -8.73 -0.09
O02 A1JEN B . -2.34 -7.05 -4.64
O03 A1JEN B . -4.30 -7.89 -3.80
C02 A1JEN C . 3.83 -9.71 16.19
C03 A1JEN C . 2.62 -9.68 15.24
C04 A1JEN C . 3.93 -8.34 13.58
C05 A1JEN C . 3.65 -6.97 12.97
C06 A1JEN C . 1.74 -7.65 14.05
C07 A1JEN C . 5.12 -8.31 14.55
N01 A1JEN C . 5.11 -9.45 15.48
N02 A1JEN C . 2.72 -8.58 14.32
O02 A1JEN C . 2.23 -6.79 13.09
O03 A1JEN C . 0.62 -7.58 14.56
S DMS D . -9.54 9.67 17.71
O DMS D . -8.67 10.44 16.74
C1 DMS D . -9.47 10.57 19.27
C2 DMS D . -11.26 10.09 17.32
S DMS E . 16.01 2.44 -8.48
O DMS E . 17.40 2.16 -7.98
C1 DMS E . 15.93 4.19 -8.92
C2 DMS E . 15.96 1.81 -10.17
S DMS F . -1.72 10.58 -25.49
O DMS F . -1.37 11.36 -26.74
C1 DMS F . -0.44 9.32 -25.29
C2 DMS F . -1.23 11.61 -24.10
S DMS G . 23.97 -13.50 4.75
O DMS G . 23.81 -14.73 3.90
C1 DMS G . 23.68 -14.01 6.46
C2 DMS G . 25.74 -13.18 4.91
S DMS H . 20.95 -21.23 -0.05
O DMS H . 20.07 -21.27 1.18
C1 DMS H . 22.52 -20.51 0.44
C2 DMS H . 21.56 -22.91 -0.32
S DMS I . -10.81 6.58 -21.67
O DMS I . -11.74 5.39 -21.67
C1 DMS I . -9.41 6.14 -22.71
C2 DMS I . -11.54 7.80 -22.78
S DMS J . -0.28 -30.88 -5.45
O DMS J . -0.24 -29.87 -4.32
C1 DMS J . -1.16 -32.31 -4.81
C2 DMS J . -1.60 -30.28 -6.53
S DMS K . -5.95 2.84 -20.62
O DMS K . -5.88 1.37 -20.97
C1 DMS K . -7.64 3.37 -20.96
C2 DMS K . -6.03 2.94 -18.82
#